data_8JZY
#
_entry.id   8JZY
#
_cell.length_a   50.041
_cell.length_b   50.041
_cell.length_c   93.255
_cell.angle_alpha   90.00
_cell.angle_beta   90.00
_cell.angle_gamma   120.00
#
_symmetry.space_group_name_H-M   'P 32 2 1'
#
loop_
_entity.id
_entity.type
_entity.pdbx_description
1 polymer 'Replication protein A 70 kDa DNA-binding subunit'
2 polymer 'Cell cycle checkpoint control protein RAD9A'
3 water water
#
loop_
_entity_poly.entity_id
_entity_poly.type
_entity_poly.pdbx_seq_one_letter_code
_entity_poly.pdbx_strand_id
1 'polypeptide(L)'
;MVGQLSEGAIAAIMQKGDTNIKPILQVINIRPITTGNSPPRYRLLMSDGLNTLSSFMLATQLNPLVEEEQLSSNCVCQIH
RFIVNTLKDGRRVVILMELEVLKSAEAVGVKIGNPVPYNE
;
A
2 'polypeptide(L)' DDFANDDIDSYMIAMETTI B
#
# COMPACT_ATOMS: atom_id res chain seq x y z
N MET A 1 17.24 3.19 9.02
CA MET A 1 16.03 3.89 8.64
C MET A 1 14.79 2.98 8.66
N VAL A 2 15.00 1.66 8.71
CA VAL A 2 13.89 0.71 8.72
C VAL A 2 13.10 0.79 10.01
N GLY A 3 13.72 1.26 11.10
CA GLY A 3 13.01 1.58 12.33
C GLY A 3 11.94 2.64 12.16
N GLN A 4 11.90 3.32 11.02
CA GLN A 4 10.82 4.26 10.78
C GLN A 4 9.58 3.60 10.23
N LEU A 5 9.62 2.31 9.89
CA LEU A 5 8.46 1.66 9.30
C LEU A 5 7.91 0.61 10.26
N SER A 6 6.61 0.36 10.14
CA SER A 6 5.87 -0.54 11.04
C SER A 6 6.15 -2.00 10.71
N GLU A 7 7.37 -2.44 11.05
CA GLU A 7 7.80 -3.81 10.71
C GLU A 7 6.84 -4.82 11.33
N GLY A 8 6.34 -5.73 10.49
CA GLY A 8 5.38 -6.72 10.93
C GLY A 8 3.94 -6.37 10.65
N ALA A 9 3.66 -5.14 10.19
CA ALA A 9 2.28 -4.76 9.94
C ALA A 9 1.69 -5.53 8.77
N ILE A 10 2.49 -5.81 7.74
CA ILE A 10 1.96 -6.55 6.59
C ILE A 10 1.61 -7.97 7.02
N ALA A 11 2.46 -8.61 7.82
CA ALA A 11 2.12 -9.95 8.30
C ALA A 11 0.87 -9.91 9.19
N ALA A 12 0.72 -8.87 10.00
CA ALA A 12 -0.47 -8.77 10.84
C ALA A 12 -1.72 -8.61 10.00
N ILE A 13 -1.65 -7.81 8.94
CA ILE A 13 -2.80 -7.66 8.07
C ILE A 13 -3.12 -8.98 7.39
N MET A 14 -2.09 -9.69 6.97
CA MET A 14 -2.37 -10.88 6.19
C MET A 14 -2.76 -12.06 7.07
N GLN A 15 -2.30 -12.11 8.31
CA GLN A 15 -2.65 -13.21 9.19
C GLN A 15 -3.90 -12.92 10.00
N LYS A 16 -3.95 -11.76 10.64
CA LYS A 16 -5.02 -11.41 11.58
C LYS A 16 -6.18 -10.70 10.92
N GLY A 17 -5.92 -10.01 9.80
CA GLY A 17 -6.91 -9.11 9.23
C GLY A 17 -7.17 -7.88 10.08
N ASP A 18 -6.26 -7.56 11.00
CA ASP A 18 -6.29 -6.33 11.80
C ASP A 18 -6.62 -5.12 10.95
N THR A 19 -7.68 -4.38 11.34
CA THR A 19 -7.90 -3.08 10.73
C THR A 19 -7.75 -1.92 11.71
N ASN A 20 -7.50 -2.17 12.99
CA ASN A 20 -7.35 -1.08 13.94
C ASN A 20 -5.98 -0.41 13.89
N ILE A 21 -4.97 -1.10 13.35
CA ILE A 21 -3.63 -0.54 13.36
C ILE A 21 -3.55 0.66 12.43
N LYS A 22 -2.59 1.53 12.71
CA LYS A 22 -2.32 2.72 11.88
C LYS A 22 -0.88 2.65 11.38
N PRO A 23 -0.55 1.65 10.59
CA PRO A 23 0.87 1.40 10.28
C PRO A 23 1.49 2.49 9.42
N ILE A 24 2.79 2.65 9.62
CA ILE A 24 3.61 3.56 8.83
C ILE A 24 4.32 2.72 7.77
N LEU A 25 4.08 3.06 6.50
CA LEU A 25 4.51 2.22 5.38
C LEU A 25 5.20 3.08 4.35
N GLN A 26 6.09 2.47 3.56
CA GLN A 26 6.69 3.18 2.44
C GLN A 26 6.05 2.70 1.15
N VAL A 27 5.70 3.65 0.27
CA VAL A 27 5.27 3.33 -1.08
C VAL A 27 6.49 2.95 -1.90
N ILE A 28 6.52 1.72 -2.42
CA ILE A 28 7.60 1.31 -3.32
C ILE A 28 7.25 1.66 -4.76
N ASN A 29 6.00 1.40 -5.18
CA ASN A 29 5.60 1.73 -6.53
C ASN A 29 4.09 1.97 -6.53
N ILE A 30 3.64 2.83 -7.46
CA ILE A 30 2.21 3.05 -7.71
C ILE A 30 1.97 2.92 -9.20
N ARG A 31 0.88 2.24 -9.56
CA ARG A 31 0.58 2.13 -10.95
C ARG A 31 -0.93 2.21 -11.17
N PRO A 32 -1.36 2.96 -12.18
CA PRO A 32 -2.79 3.03 -12.48
C PRO A 32 -3.25 1.77 -13.17
N ILE A 33 -4.44 1.32 -12.79
CA ILE A 33 -5.18 0.35 -13.57
C ILE A 33 -6.27 1.10 -14.34
N THR A 34 -6.37 0.83 -15.64
CA THR A 34 -7.42 1.39 -16.49
C THR A 34 -8.52 0.36 -16.72
N PRO A 39 -11.13 6.81 -15.46
CA PRO A 39 -10.91 7.28 -14.09
C PRO A 39 -10.01 6.31 -13.34
N PRO A 40 -8.78 6.71 -13.06
CA PRO A 40 -7.76 5.72 -12.67
C PRO A 40 -8.04 5.11 -11.30
N ARG A 41 -7.69 3.84 -11.18
CA ARG A 41 -7.63 3.13 -9.91
C ARG A 41 -6.17 2.77 -9.67
N TYR A 42 -5.62 3.20 -8.55
CA TYR A 42 -4.20 3.07 -8.27
C TYR A 42 -3.94 1.83 -7.41
N ARG A 43 -3.02 0.99 -7.87
CA ARG A 43 -2.55 -0.15 -7.11
C ARG A 43 -1.16 0.16 -6.56
N LEU A 44 -0.91 -0.21 -5.31
CA LEU A 44 0.33 0.19 -4.64
C LEU A 44 1.10 -1.04 -4.18
N LEU A 45 2.41 -1.04 -4.43
CA LEU A 45 3.33 -1.97 -3.80
C LEU A 45 3.88 -1.25 -2.57
N MET A 46 3.56 -1.75 -1.38
CA MET A 46 3.96 -1.09 -0.14
CA MET A 46 3.97 -1.10 -0.14
C MET A 46 4.92 -1.97 0.66
N SER A 47 5.72 -1.30 1.49
CA SER A 47 6.70 -1.94 2.33
C SER A 47 6.51 -1.52 3.78
N ASP A 48 6.66 -2.47 4.69
CA ASP A 48 6.71 -2.15 6.11
C ASP A 48 8.11 -2.29 6.68
N GLY A 49 9.11 -2.35 5.81
CA GLY A 49 10.49 -2.52 6.23
C GLY A 49 10.96 -3.96 6.20
N LEU A 50 10.09 -4.88 6.62
CA LEU A 50 10.36 -6.31 6.62
C LEU A 50 9.87 -6.98 5.33
N ASN A 51 8.64 -6.67 4.92
CA ASN A 51 8.00 -7.28 3.77
C ASN A 51 7.44 -6.22 2.83
N THR A 52 7.23 -6.63 1.57
CA THR A 52 6.36 -5.89 0.68
C THR A 52 5.10 -6.70 0.42
N LEU A 53 4.05 -5.99 -0.01
CA LEU A 53 2.80 -6.59 -0.44
C LEU A 53 2.24 -5.71 -1.55
N SER A 54 1.73 -6.35 -2.60
CA SER A 54 1.34 -5.61 -3.80
C SER A 54 -0.16 -5.43 -3.96
N SER A 55 -0.96 -5.94 -3.02
CA SER A 55 -2.41 -5.94 -3.20
C SER A 55 -3.09 -4.77 -2.49
N PHE A 56 -2.40 -3.64 -2.37
CA PHE A 56 -3.01 -2.42 -1.87
C PHE A 56 -3.68 -1.68 -3.01
N MET A 57 -4.88 -1.17 -2.74
CA MET A 57 -5.65 -0.35 -3.67
C MET A 57 -5.98 0.97 -2.97
N LEU A 58 -5.86 2.05 -3.71
CA LEU A 58 -6.24 3.37 -3.24
C LEU A 58 -7.73 3.60 -3.44
N ALA A 59 -8.45 3.94 -2.36
CA ALA A 59 -9.82 4.40 -2.54
C ALA A 59 -9.83 5.62 -3.45
N THR A 60 -10.86 5.71 -4.30
CA THR A 60 -10.97 6.82 -5.25
C THR A 60 -10.89 8.18 -4.56
N GLN A 61 -11.39 8.27 -3.33
CA GLN A 61 -11.38 9.55 -2.62
C GLN A 61 -9.97 10.04 -2.31
N LEU A 62 -8.98 9.15 -2.37
CA LEU A 62 -7.59 9.53 -2.13
C LEU A 62 -6.83 9.83 -3.43
N ASN A 63 -7.47 9.69 -4.59
CA ASN A 63 -6.79 9.98 -5.85
C ASN A 63 -6.15 11.36 -5.89
N PRO A 64 -6.72 12.42 -5.32
CA PRO A 64 -6.01 13.72 -5.32
C PRO A 64 -4.61 13.66 -4.74
N LEU A 65 -4.37 12.81 -3.74
CA LEU A 65 -3.02 12.70 -3.19
C LEU A 65 -2.02 12.25 -4.25
N VAL A 66 -2.47 11.38 -5.18
CA VAL A 66 -1.61 11.02 -6.29
C VAL A 66 -1.57 12.14 -7.32
N GLU A 67 -2.73 12.71 -7.62
CA GLU A 67 -2.82 13.74 -8.67
C GLU A 67 -2.01 14.98 -8.34
N GLU A 68 -1.90 15.33 -7.07
CA GLU A 68 -1.09 16.48 -6.66
C GLU A 68 0.31 16.07 -6.25
N GLU A 69 0.69 14.83 -6.52
CA GLU A 69 2.04 14.29 -6.29
C GLU A 69 2.46 14.31 -4.81
N GLN A 70 1.51 14.34 -3.88
CA GLN A 70 1.86 14.15 -2.48
C GLN A 70 2.21 12.70 -2.19
N LEU A 71 1.43 11.77 -2.73
CA LEU A 71 1.66 10.33 -2.61
C LEU A 71 2.36 9.86 -3.87
N SER A 72 3.62 9.48 -3.74
CA SER A 72 4.37 8.98 -4.89
C SER A 72 5.42 8.00 -4.42
N SER A 73 6.02 7.30 -5.37
CA SER A 73 6.98 6.26 -5.04
C SER A 73 8.11 6.81 -4.18
N ASN A 74 8.40 6.08 -3.10
CA ASN A 74 9.39 6.30 -2.05
C ASN A 74 8.86 7.14 -0.88
N CYS A 75 7.68 7.74 -0.99
CA CYS A 75 7.21 8.48 0.16
C CYS A 75 6.84 7.52 1.30
N VAL A 76 6.78 8.06 2.52
CA VAL A 76 6.37 7.33 3.70
C VAL A 76 5.04 7.87 4.18
N CYS A 77 4.12 6.98 4.48
CA CYS A 77 2.80 7.42 4.89
CA CYS A 77 2.72 7.27 4.79
C CYS A 77 2.32 6.59 6.07
N GLN A 78 1.32 7.14 6.75
CA GLN A 78 0.68 6.48 7.86
C GLN A 78 -0.76 6.23 7.45
N ILE A 79 -1.17 4.97 7.54
CA ILE A 79 -2.54 4.59 7.18
C ILE A 79 -3.46 4.91 8.34
N HIS A 80 -4.51 5.68 8.09
CA HIS A 80 -5.46 6.03 9.14
C HIS A 80 -6.76 5.25 9.08
N ARG A 81 -7.14 4.73 7.92
CA ARG A 81 -8.31 3.86 7.83
C ARG A 81 -8.12 2.97 6.61
N PHE A 82 -8.40 1.68 6.77
CA PHE A 82 -8.34 0.76 5.64
C PHE A 82 -9.32 -0.38 5.88
N ILE A 83 -9.65 -1.06 4.79
CA ILE A 83 -10.55 -2.21 4.76
C ILE A 83 -9.81 -3.36 4.12
N VAL A 84 -10.07 -4.57 4.60
CA VAL A 84 -9.52 -5.78 4.00
C VAL A 84 -10.64 -6.48 3.26
N ASN A 85 -10.30 -6.99 2.06
CA ASN A 85 -11.28 -7.80 1.28
C ASN A 85 -10.54 -9.10 0.93
N THR A 86 -10.94 -10.21 1.54
CA THR A 86 -10.28 -11.48 1.33
C THR A 86 -10.92 -12.20 0.14
N LEU A 87 -10.09 -12.51 -0.85
CA LEU A 87 -10.57 -13.18 -2.05
C LEU A 87 -10.85 -14.67 -1.80
N LYS A 88 -11.62 -15.27 -2.70
CA LYS A 88 -11.96 -16.71 -2.55
C LYS A 88 -10.70 -17.56 -2.48
N ASP A 89 -9.62 -17.14 -3.16
CA ASP A 89 -8.42 -17.96 -3.19
C ASP A 89 -7.50 -17.70 -2.00
N GLY A 90 -7.87 -16.77 -1.11
CA GLY A 90 -7.13 -16.54 0.12
C GLY A 90 -6.25 -15.31 0.11
N ARG A 91 -5.97 -14.74 -1.06
CA ARG A 91 -5.25 -13.48 -1.11
C ARG A 91 -6.11 -12.37 -0.52
N ARG A 92 -5.47 -11.33 -0.01
CA ARG A 92 -6.17 -10.23 0.61
C ARG A 92 -5.87 -8.94 -0.12
N VAL A 93 -6.92 -8.21 -0.46
CA VAL A 93 -6.81 -6.86 -0.99
C VAL A 93 -7.01 -5.87 0.15
N VAL A 94 -6.14 -4.88 0.24
CA VAL A 94 -6.17 -3.90 1.31
C VAL A 94 -6.56 -2.58 0.66
N ILE A 95 -7.75 -2.07 0.98
CA ILE A 95 -8.25 -0.82 0.40
C ILE A 95 -7.93 0.31 1.37
N LEU A 96 -7.05 1.22 0.93
CA LEU A 96 -6.64 2.36 1.74
C LEU A 96 -7.69 3.46 1.61
N MET A 97 -8.34 3.77 2.73
CA MET A 97 -9.43 4.73 2.80
C MET A 97 -8.97 6.12 3.21
N GLU A 98 -8.08 6.20 4.21
CA GLU A 98 -7.55 7.46 4.71
C GLU A 98 -6.09 7.27 5.04
N LEU A 99 -5.27 8.24 4.67
CA LEU A 99 -3.87 8.20 5.04
C LEU A 99 -3.27 9.60 5.04
N GLU A 100 -2.12 9.71 5.68
CA GLU A 100 -1.37 10.97 5.71
C GLU A 100 0.03 10.68 5.21
N VAL A 101 0.53 11.51 4.29
CA VAL A 101 1.90 11.38 3.83
C VAL A 101 2.79 12.09 4.85
N LEU A 102 3.68 11.31 5.49
CA LEU A 102 4.55 11.81 6.55
C LEU A 102 5.85 12.41 6.03
N LYS A 103 6.43 11.82 4.98
CA LYS A 103 7.71 12.25 4.43
C LYS A 103 7.61 12.08 2.93
N SER A 104 7.94 13.14 2.20
CA SER A 104 7.76 13.14 0.76
C SER A 104 8.75 12.20 0.08
N ALA A 105 8.39 11.78 -1.14
CA ALA A 105 9.31 10.99 -1.96
C ALA A 105 10.67 11.65 -2.08
N GLU A 106 10.68 12.96 -2.29
CA GLU A 106 11.94 13.67 -2.50
C GLU A 106 12.80 13.61 -1.24
N ALA A 107 12.15 13.71 -0.08
CA ALA A 107 12.88 13.73 1.19
C ALA A 107 13.44 12.36 1.54
N VAL A 108 12.74 11.30 1.16
CA VAL A 108 13.22 9.95 1.47
C VAL A 108 14.24 9.49 0.43
N GLY A 109 13.88 9.55 -0.85
CA GLY A 109 14.83 9.42 -1.95
C GLY A 109 15.12 8.01 -2.44
N VAL A 110 14.77 6.98 -1.67
CA VAL A 110 15.18 5.62 -2.00
C VAL A 110 14.35 4.66 -1.17
N LYS A 111 14.29 3.40 -1.61
CA LYS A 111 13.69 2.35 -0.81
C LYS A 111 14.43 2.21 0.51
N ILE A 112 13.67 2.09 1.59
CA ILE A 112 14.23 1.90 2.94
C ILE A 112 14.43 0.42 3.20
N GLY A 113 15.64 0.05 3.61
CA GLY A 113 15.86 -1.33 4.02
C GLY A 113 15.84 -2.31 2.84
N ASN A 114 15.66 -3.58 3.16
CA ASN A 114 15.66 -4.67 2.18
C ASN A 114 14.47 -5.60 2.41
N PRO A 115 13.26 -5.10 2.23
CA PRO A 115 12.07 -5.93 2.42
C PRO A 115 11.97 -7.02 1.36
N VAL A 116 11.35 -8.13 1.75
CA VAL A 116 11.15 -9.26 0.84
C VAL A 116 9.65 -9.48 0.68
N PRO A 117 9.17 -10.00 -0.45
CA PRO A 117 7.74 -10.16 -0.63
C PRO A 117 7.16 -11.06 0.46
N TYR A 118 6.01 -10.66 0.99
CA TYR A 118 5.29 -11.51 1.93
C TYR A 118 4.86 -12.81 1.27
N ASN A 119 4.91 -13.89 2.03
CA ASN A 119 4.28 -15.13 1.57
C ASN A 119 3.55 -15.87 2.69
N ASP B 2 5.11 -2.35 -14.26
CA ASP B 2 3.95 -3.28 -14.12
C ASP B 2 4.29 -4.36 -13.09
N PHE B 3 4.52 -3.96 -11.84
CA PHE B 3 4.80 -4.93 -10.76
C PHE B 3 3.57 -5.81 -10.54
N ALA B 4 3.76 -7.07 -10.17
CA ALA B 4 2.61 -7.94 -9.81
C ALA B 4 1.51 -7.87 -10.87
N ASN B 5 1.85 -8.14 -12.12
CA ASN B 5 0.84 -8.12 -13.22
C ASN B 5 0.11 -9.46 -13.18
N ASP B 6 -0.82 -9.62 -12.23
CA ASP B 6 -1.56 -10.89 -12.05
C ASP B 6 -3.03 -10.64 -12.36
N ASP B 7 -3.94 -11.38 -11.73
CA ASP B 7 -5.35 -11.10 -11.94
C ASP B 7 -5.94 -10.25 -10.82
N ILE B 8 -5.10 -9.74 -9.92
CA ILE B 8 -5.57 -8.86 -8.85
C ILE B 8 -6.08 -7.55 -9.42
N ASP B 9 -5.49 -7.06 -10.52
CA ASP B 9 -6.01 -5.88 -11.20
C ASP B 9 -7.49 -6.05 -11.51
N SER B 10 -7.85 -7.17 -12.12
CA SER B 10 -9.25 -7.42 -12.47
C SER B 10 -10.14 -7.40 -11.23
N TYR B 11 -9.69 -8.01 -10.14
CA TYR B 11 -10.47 -7.98 -8.91
C TYR B 11 -10.67 -6.54 -8.42
N MET B 12 -9.59 -5.75 -8.37
CA MET B 12 -9.76 -4.38 -7.91
C MET B 12 -10.66 -3.56 -8.84
N ILE B 13 -10.63 -3.83 -10.15
CA ILE B 13 -11.57 -3.17 -11.06
C ILE B 13 -13.01 -3.52 -10.70
N ALA B 14 -13.28 -4.81 -10.52
CA ALA B 14 -14.64 -5.25 -10.24
C ALA B 14 -15.18 -4.71 -8.92
N MET B 15 -14.30 -4.32 -8.00
CA MET B 15 -14.73 -3.83 -6.69
C MET B 15 -15.47 -2.51 -6.86
N GLU B 16 -16.38 -2.23 -5.93
CA GLU B 16 -17.09 -0.95 -5.88
C GLU B 16 -17.78 -0.62 -7.19
#